data_2NC0
#
_entry.id   2NC0
#
_entity_poly.entity_id   1
_entity_poly.type   'polyribonucleotide'
_entity_poly.pdbx_seq_one_letter_code
;GGGCUGAAGGAUGGAGACGUCUAGGCCC
;
_entity_poly.pdbx_strand_id   A
#